data_4JFK
#
_entry.id   4JFK
#
_cell.length_a   42.273
_cell.length_b   54.445
_cell.length_c   56.409
_cell.angle_alpha   90.000
_cell.angle_beta   90.000
_cell.angle_gamma   90.000
#
_symmetry.space_group_name_H-M   'P 21 21 21'
#
loop_
_entity.id
_entity.type
_entity.pdbx_description
1 polymer 'Peptidyl-prolyl cis-trans isomerase FKBP5'
2 non-polymer (1S,6R)-3-[2-(3,4-dimethoxyphenoxy)ethyl]-10-[(2-oxo-2,3-dihydro-1,3-benzothiazol-6-yl)sulfonyl]-3,10-diazabicyclo[4.3.1]decan-2-one
3 water water
#
_entity_poly.entity_id   1
_entity_poly.type   'polypeptide(L)'
_entity_poly.pdbx_seq_one_letter_code
;GAPATVTEQGEDITSKKDRGVLKIVKRVGNGEETPMIGDKVYVHYKGKLSNGKKFDSSHDRNEPFVFSLGKGQVIKAWDI
GVATMKKGEICHLLCKPEYAYGSAGSLPKIPSNATLFFEIELLDFKGE
;
_entity_poly.pdbx_strand_id   A
#
loop_
_chem_comp.id
_chem_comp.type
_chem_comp.name
_chem_comp.formula
JFK non-polymer (1S,6R)-3-[2-(3,4-dimethoxyphenoxy)ethyl]-10-[(2-oxo-2,3-dihydro-1,3-benzothiazol-6-yl)sulfonyl]-3,10-diazabicyclo[4.3.1]decan-2-one 'C25 H29 N3 O7 S2'
#
# COMPACT_ATOMS: atom_id res chain seq x y z
N GLY A 1 8.44 16.49 -0.54
CA GLY A 1 7.44 15.89 -1.48
C GLY A 1 6.57 14.91 -0.72
N ALA A 2 5.73 14.22 -1.46
CA ALA A 2 4.78 13.32 -0.84
C ALA A 2 5.42 12.23 0.04
N PRO A 3 6.53 11.61 -0.40
CA PRO A 3 7.15 10.60 0.49
C PRO A 3 7.61 11.18 1.84
N ALA A 4 8.23 12.35 1.80
CA ALA A 4 8.64 13.01 3.03
C ALA A 4 7.42 13.31 3.90
N THR A 5 6.33 13.77 3.27
CA THR A 5 5.16 14.15 4.03
C THR A 5 4.52 12.95 4.72
N VAL A 6 4.40 11.81 4.06
CA VAL A 6 3.85 10.64 4.73
C VAL A 6 4.81 10.11 5.79
N THR A 7 6.12 10.24 5.56
CA THR A 7 7.09 9.84 6.58
C THR A 7 6.91 10.63 7.87
N GLU A 8 6.71 11.94 7.72
CA GLU A 8 6.70 12.85 8.84
C GLU A 8 5.32 13.12 9.43
N GLN A 9 4.27 12.86 8.65
CA GLN A 9 2.91 13.25 9.02
C GLN A 9 1.92 12.11 8.88
N GLY A 10 2.37 10.89 8.58
CA GLY A 10 1.48 9.78 8.40
C GLY A 10 1.06 9.14 9.71
N GLU A 11 0.00 8.35 9.64
N GLU A 11 0.00 8.36 9.62
CA GLU A 11 -0.49 7.64 10.79
CA GLU A 11 -0.55 7.63 10.76
C GLU A 11 -0.05 6.19 10.76
C GLU A 11 -0.06 6.19 10.75
N ASP A 12 0.45 5.72 11.88
CA ASP A 12 0.83 4.33 12.02
C ASP A 12 -0.42 3.46 12.06
N ILE A 13 -0.56 2.56 11.08
CA ILE A 13 -1.70 1.67 10.98
C ILE A 13 -1.35 0.22 11.32
N THR A 14 -0.17 -0.02 11.86
CA THR A 14 0.21 -1.36 12.24
C THR A 14 -0.42 -1.74 13.58
N SER A 15 -0.74 -3.04 13.72
N SER A 15 -0.74 -3.03 13.72
CA SER A 15 -1.21 -3.55 15.00
CA SER A 15 -1.20 -3.55 14.99
C SER A 15 -0.15 -3.54 16.09
C SER A 15 -0.14 -3.37 16.07
N LYS A 16 1.11 -3.65 15.70
CA LYS A 16 2.22 -3.60 16.64
C LYS A 16 2.60 -2.18 17.06
N LYS A 17 2.11 -1.18 16.33
N LYS A 17 2.16 -1.16 16.32
CA LYS A 17 2.48 0.22 16.53
CA LYS A 17 2.50 0.22 16.64
C LYS A 17 3.99 0.38 16.54
C LYS A 17 3.99 0.49 16.47
N ASP A 18 4.61 -0.17 15.49
CA ASP A 18 6.03 -0.08 15.29
C ASP A 18 6.43 0.87 14.17
N ARG A 19 5.46 1.68 13.73
N ARG A 19 5.52 1.69 13.69
CA ARG A 19 5.59 2.65 12.64
CA ARG A 19 5.83 2.68 12.65
C ARG A 19 6.15 2.03 11.34
C ARG A 19 6.12 2.05 11.28
N GLY A 20 5.85 0.76 11.11
CA GLY A 20 6.31 0.08 9.90
C GLY A 20 5.50 0.40 8.65
N VAL A 21 4.25 0.86 8.86
CA VAL A 21 3.37 1.24 7.76
C VAL A 21 2.66 2.51 8.20
N LEU A 22 2.94 3.60 7.48
CA LEU A 22 2.32 4.89 7.73
C LEU A 22 1.41 5.24 6.59
N LYS A 23 0.29 5.89 6.91
CA LYS A 23 -0.73 6.20 5.91
C LYS A 23 -1.22 7.64 6.00
N ILE A 24 -1.51 8.23 4.84
CA ILE A 24 -2.30 9.46 4.73
C ILE A 24 -3.41 9.18 3.74
N VAL A 25 -4.64 9.52 4.12
CA VAL A 25 -5.76 9.47 3.19
C VAL A 25 -5.74 10.74 2.35
N LYS A 26 -5.60 10.59 1.04
CA LYS A 26 -5.54 11.70 0.09
C LYS A 26 -6.90 12.05 -0.49
N ARG A 27 -7.69 11.04 -0.82
CA ARG A 27 -9.06 11.24 -1.28
C ARG A 27 -9.95 10.33 -0.49
N VAL A 28 -10.91 10.94 0.18
CA VAL A 28 -11.86 10.20 0.98
C VAL A 28 -12.78 9.39 0.06
N GLY A 29 -12.95 8.13 0.39
CA GLY A 29 -13.80 7.25 -0.38
C GLY A 29 -15.23 7.24 0.10
N ASN A 30 -15.95 6.19 -0.28
CA ASN A 30 -17.40 6.12 -0.14
C ASN A 30 -17.86 5.32 1.07
N GLY A 31 -18.73 5.91 1.88
CA GLY A 31 -19.34 5.19 2.99
C GLY A 31 -18.36 4.84 4.07
N GLU A 32 -18.63 3.75 4.75
CA GLU A 32 -17.82 3.32 5.88
C GLU A 32 -17.21 1.95 5.68
N GLU A 33 -17.65 1.20 4.67
CA GLU A 33 -17.22 -0.19 4.58
C GLU A 33 -15.84 -0.33 3.97
N THR A 34 -15.02 -1.16 4.59
CA THR A 34 -13.72 -1.58 4.06
C THR A 34 -13.84 -3.03 3.63
N PRO A 35 -12.90 -3.49 2.77
CA PRO A 35 -13.00 -4.86 2.29
C PRO A 35 -12.83 -5.86 3.43
N MET A 36 -13.27 -7.07 3.19
CA MET A 36 -13.00 -8.13 4.14
C MET A 36 -11.99 -9.12 3.61
N ILE A 37 -11.39 -9.83 4.54
CA ILE A 37 -10.44 -10.88 4.23
C ILE A 37 -11.00 -11.79 3.17
N GLY A 38 -10.17 -12.06 2.17
CA GLY A 38 -10.55 -12.92 1.07
C GLY A 38 -11.25 -12.23 -0.07
N ASP A 39 -11.65 -10.97 0.08
CA ASP A 39 -12.27 -10.26 -1.02
C ASP A 39 -11.29 -10.08 -2.16
N LYS A 40 -11.82 -10.10 -3.37
CA LYS A 40 -11.09 -9.69 -4.55
C LYS A 40 -11.06 -8.19 -4.58
N VAL A 41 -9.87 -7.60 -4.51
N VAL A 41 -9.86 -7.63 -4.59
CA VAL A 41 -9.73 -6.15 -4.50
CA VAL A 41 -9.67 -6.21 -4.53
C VAL A 41 -9.04 -5.71 -5.78
C VAL A 41 -9.07 -5.76 -5.84
N TYR A 42 -9.49 -4.59 -6.31
CA TYR A 42 -9.00 -3.99 -7.55
C TYR A 42 -8.41 -2.66 -7.17
N VAL A 43 -7.13 -2.46 -7.48
CA VAL A 43 -6.47 -1.21 -7.17
C VAL A 43 -5.71 -0.67 -8.36
N HIS A 44 -5.53 0.66 -8.37
CA HIS A 44 -4.47 1.28 -9.14
C HIS A 44 -3.42 1.78 -8.19
N TYR A 45 -2.16 1.73 -8.62
CA TYR A 45 -1.09 2.16 -7.75
C TYR A 45 0.11 2.63 -8.54
N LYS A 46 0.95 3.37 -7.84
CA LYS A 46 2.30 3.63 -8.28
C LYS A 46 3.23 3.52 -7.08
N GLY A 47 4.44 2.99 -7.32
CA GLY A 47 5.42 2.85 -6.29
C GLY A 47 6.71 3.56 -6.61
N LYS A 48 7.33 4.13 -5.58
CA LYS A 48 8.62 4.80 -5.68
C LYS A 48 9.57 4.31 -4.60
N LEU A 49 10.84 4.23 -4.98
CA LEU A 49 11.90 3.97 -4.03
C LEU A 49 12.30 5.25 -3.33
N SER A 50 13.08 5.08 -2.26
N SER A 50 13.08 5.08 -2.26
CA SER A 50 13.55 6.22 -1.48
CA SER A 50 13.58 6.20 -1.47
C SER A 50 14.63 7.04 -2.19
C SER A 50 14.59 7.06 -2.21
N ASN A 51 15.13 6.54 -3.32
CA ASN A 51 16.01 7.34 -4.19
C ASN A 51 15.21 8.13 -5.25
N GLY A 52 13.89 8.11 -5.15
CA GLY A 52 13.04 8.87 -6.05
C GLY A 52 12.60 8.13 -7.31
N LYS A 53 13.16 6.95 -7.58
CA LYS A 53 12.81 6.22 -8.80
C LYS A 53 11.43 5.59 -8.71
N LYS A 54 10.60 5.80 -9.72
CA LYS A 54 9.36 5.04 -9.87
C LYS A 54 9.79 3.62 -10.21
N PHE A 55 9.27 2.63 -9.51
CA PHE A 55 9.56 1.25 -9.86
C PHE A 55 8.38 0.48 -10.43
N ASP A 56 7.16 1.01 -10.32
CA ASP A 56 6.02 0.30 -10.87
C ASP A 56 4.82 1.23 -10.92
N SER A 57 3.90 0.93 -11.82
CA SER A 57 2.65 1.66 -11.96
C SER A 57 1.66 0.81 -12.72
N SER A 58 0.48 0.60 -12.13
CA SER A 58 -0.59 -0.06 -12.87
C SER A 58 -1.21 0.86 -13.90
N HIS A 59 -1.23 2.17 -13.64
CA HIS A 59 -1.79 3.11 -14.59
C HIS A 59 -1.11 2.98 -15.94
N ASP A 60 0.21 2.81 -15.91
CA ASP A 60 0.98 2.71 -17.14
C ASP A 60 0.67 1.42 -17.92
N ARG A 61 0.06 0.43 -17.27
CA ARG A 61 -0.36 -0.81 -17.91
C ARG A 61 -1.81 -0.77 -18.40
N ASN A 62 -2.55 0.28 -18.06
CA ASN A 62 -3.96 0.39 -18.44
C ASN A 62 -4.81 -0.77 -17.93
N GLU A 63 -4.48 -1.30 -16.76
CA GLU A 63 -5.31 -2.30 -16.11
C GLU A 63 -5.00 -2.27 -14.63
N PRO A 64 -6.00 -2.56 -13.81
CA PRO A 64 -5.80 -2.57 -12.38
C PRO A 64 -5.02 -3.79 -11.93
N PHE A 65 -4.50 -3.72 -10.72
CA PHE A 65 -3.89 -4.85 -10.06
C PHE A 65 -4.96 -5.47 -9.16
N VAL A 66 -5.07 -6.79 -9.23
CA VAL A 66 -6.13 -7.52 -8.59
C VAL A 66 -5.52 -8.58 -7.68
N PHE A 67 -5.99 -8.66 -6.44
CA PHE A 67 -5.51 -9.69 -5.53
C PHE A 67 -6.58 -10.00 -4.50
N SER A 68 -6.40 -11.10 -3.78
N SER A 68 -6.35 -11.08 -3.76
CA SER A 68 -7.32 -11.45 -2.70
CA SER A 68 -7.23 -11.51 -2.68
C SER A 68 -6.74 -10.96 -1.39
C SER A 68 -6.69 -10.95 -1.37
N LEU A 69 -7.50 -10.14 -0.68
CA LEU A 69 -7.03 -9.44 0.50
C LEU A 69 -6.73 -10.37 1.67
N GLY A 70 -5.64 -10.12 2.35
CA GLY A 70 -5.35 -10.78 3.62
C GLY A 70 -4.85 -12.19 3.50
N LYS A 71 -4.30 -12.52 2.33
CA LYS A 71 -3.83 -13.86 2.02
C LYS A 71 -2.34 -13.92 1.73
N GLY A 72 -1.59 -12.84 1.96
CA GLY A 72 -0.16 -12.83 1.67
C GLY A 72 0.17 -12.95 0.21
N GLN A 73 -0.73 -12.47 -0.65
CA GLN A 73 -0.47 -12.42 -2.09
C GLN A 73 0.30 -11.18 -2.46
N VAL A 74 0.45 -10.27 -1.49
CA VAL A 74 1.13 -9.01 -1.65
C VAL A 74 1.97 -8.79 -0.39
N ILE A 75 2.84 -7.79 -0.42
CA ILE A 75 3.62 -7.44 0.76
C ILE A 75 2.68 -7.10 1.93
N LYS A 76 3.22 -7.30 3.13
CA LYS A 76 2.44 -7.11 4.33
C LYS A 76 1.83 -5.71 4.40
N ALA A 77 2.58 -4.69 4.04
CA ALA A 77 2.06 -3.33 4.08
C ALA A 77 0.80 -3.16 3.27
N TRP A 78 0.69 -3.85 2.14
CA TRP A 78 -0.51 -3.77 1.30
C TRP A 78 -1.68 -4.50 1.92
N ASP A 79 -1.46 -5.70 2.45
CA ASP A 79 -2.56 -6.38 3.13
C ASP A 79 -3.09 -5.51 4.27
N ILE A 80 -2.20 -4.92 5.05
N ILE A 80 -2.18 -4.93 5.04
CA ILE A 80 -2.61 -4.07 6.15
CA ILE A 80 -2.54 -4.06 6.15
C ILE A 80 -3.27 -2.79 5.61
C ILE A 80 -3.20 -2.77 5.67
N GLY A 81 -2.61 -2.13 4.67
CA GLY A 81 -3.08 -0.84 4.22
C GLY A 81 -4.37 -0.87 3.42
N VAL A 82 -4.47 -1.79 2.46
CA VAL A 82 -5.68 -1.86 1.66
C VAL A 82 -6.88 -2.22 2.54
N ALA A 83 -6.67 -3.03 3.58
CA ALA A 83 -7.74 -3.39 4.49
C ALA A 83 -8.35 -2.18 5.20
N THR A 84 -7.61 -1.06 5.28
CA THR A 84 -8.14 0.14 5.90
C THR A 84 -8.90 1.05 4.96
N MET A 85 -8.91 0.77 3.66
CA MET A 85 -9.43 1.69 2.66
C MET A 85 -10.90 1.48 2.35
N LYS A 86 -11.58 2.58 2.05
N LYS A 86 -11.57 2.58 2.01
CA LYS A 86 -12.94 2.54 1.52
CA LYS A 86 -12.93 2.58 1.50
C LYS A 86 -12.91 2.56 -0.01
C LYS A 86 -12.92 2.59 -0.02
N LYS A 87 -14.00 2.12 -0.63
CA LYS A 87 -14.11 2.16 -2.08
C LYS A 87 -13.97 3.61 -2.53
N GLY A 88 -13.15 3.82 -3.55
CA GLY A 88 -12.91 5.16 -4.09
C GLY A 88 -11.82 5.94 -3.36
N GLU A 89 -11.30 5.43 -2.26
CA GLU A 89 -10.26 6.12 -1.53
C GLU A 89 -8.96 6.08 -2.29
N ILE A 90 -8.18 7.16 -2.16
CA ILE A 90 -6.78 7.19 -2.55
C ILE A 90 -5.97 7.48 -1.28
N CYS A 91 -4.93 6.68 -1.06
CA CYS A 91 -4.04 6.92 0.06
C CYS A 91 -2.60 6.86 -0.37
N HIS A 92 -1.75 7.37 0.52
CA HIS A 92 -0.31 7.19 0.46
C HIS A 92 0.11 6.29 1.58
N LEU A 93 0.99 5.32 1.28
CA LEU A 93 1.56 4.40 2.25
C LEU A 93 3.06 4.46 2.21
N LEU A 94 3.66 4.54 3.38
CA LEU A 94 5.10 4.50 3.54
C LEU A 94 5.43 3.21 4.29
N CYS A 95 6.19 2.32 3.63
CA CYS A 95 6.35 0.92 4.03
C CYS A 95 7.80 0.64 4.35
N LYS A 96 8.09 0.40 5.62
CA LYS A 96 9.45 -0.02 5.99
C LYS A 96 9.72 -1.42 5.48
N PRO A 97 11.00 -1.82 5.33
CA PRO A 97 11.28 -3.08 4.66
C PRO A 97 10.72 -4.30 5.33
N GLU A 98 10.51 -4.26 6.64
CA GLU A 98 9.94 -5.37 7.38
C GLU A 98 8.51 -5.66 6.97
N TYR A 99 7.85 -4.69 6.34
CA TYR A 99 6.49 -4.84 5.82
C TYR A 99 6.47 -4.83 4.29
N ALA A 100 7.65 -5.02 3.70
CA ALA A 100 7.81 -5.01 2.25
C ALA A 100 8.73 -6.18 1.86
N TYR A 101 9.88 -5.91 1.25
CA TYR A 101 10.74 -6.97 0.72
C TYR A 101 11.96 -7.24 1.59
N GLY A 102 12.05 -6.62 2.75
CA GLY A 102 13.06 -7.01 3.74
C GLY A 102 14.48 -6.89 3.23
N SER A 103 15.33 -7.75 3.75
CA SER A 103 16.72 -7.78 3.33
C SER A 103 16.89 -8.38 1.94
N ALA A 104 15.94 -9.20 1.48
CA ALA A 104 16.08 -9.83 0.18
C ALA A 104 15.96 -8.83 -0.97
N GLY A 105 15.08 -7.84 -0.83
CA GLY A 105 14.71 -7.03 -1.97
C GLY A 105 13.92 -7.83 -2.99
N SER A 106 13.80 -7.28 -4.19
CA SER A 106 13.08 -7.93 -5.26
C SER A 106 13.67 -7.47 -6.57
N LEU A 107 14.44 -8.35 -7.21
CA LEU A 107 15.12 -8.04 -8.47
C LEU A 107 14.13 -7.96 -9.62
N PRO A 108 14.35 -7.03 -10.56
CA PRO A 108 15.51 -6.15 -10.67
C PRO A 108 15.46 -4.77 -10.00
N LYS A 109 14.30 -4.37 -9.48
N LYS A 109 14.31 -4.37 -9.48
CA LYS A 109 14.06 -2.98 -9.15
CA LYS A 109 14.07 -2.97 -9.14
C LYS A 109 14.22 -2.57 -7.67
C LYS A 109 14.26 -2.58 -7.67
N ILE A 110 14.00 -3.50 -6.73
CA ILE A 110 13.91 -3.12 -5.32
C ILE A 110 15.14 -3.63 -4.58
N PRO A 111 15.93 -2.72 -4.02
CA PRO A 111 17.14 -3.15 -3.32
C PRO A 111 16.84 -3.77 -1.96
N SER A 112 17.86 -4.34 -1.36
CA SER A 112 17.80 -4.76 0.02
C SER A 112 17.44 -3.61 0.96
N ASN A 113 16.65 -3.91 1.98
CA ASN A 113 16.38 -2.97 3.06
C ASN A 113 15.71 -1.68 2.58
N ALA A 114 14.81 -1.81 1.61
CA ALA A 114 14.18 -0.66 0.96
C ALA A 114 12.89 -0.21 1.64
N THR A 115 12.82 1.06 1.99
CA THR A 115 11.56 1.69 2.36
C THR A 115 10.86 2.12 1.07
N LEU A 116 9.58 1.78 0.95
CA LEU A 116 8.83 2.01 -0.26
C LEU A 116 7.69 3.01 -0.02
N PHE A 117 7.41 3.81 -1.06
CA PHE A 117 6.27 4.72 -1.07
C PHE A 117 5.28 4.25 -2.11
N PHE A 118 4.00 4.18 -1.75
CA PHE A 118 2.96 3.90 -2.71
C PHE A 118 1.85 4.93 -2.65
N GLU A 119 1.29 5.22 -3.82
N GLU A 119 1.27 5.24 -3.81
CA GLU A 119 -0.02 5.83 -3.93
CA GLU A 119 -0.05 5.87 -3.89
C GLU A 119 -0.95 4.70 -4.39
C GLU A 119 -1.03 4.84 -4.46
N ILE A 120 -2.06 4.52 -3.68
CA ILE A 120 -2.99 3.44 -3.99
C ILE A 120 -4.41 3.97 -4.04
N GLU A 121 -5.14 3.59 -5.09
CA GLU A 121 -6.56 3.88 -5.24
C GLU A 121 -7.31 2.56 -5.17
N LEU A 122 -8.26 2.44 -4.23
CA LEU A 122 -9.10 1.25 -4.13
C LEU A 122 -10.28 1.44 -5.06
N LEU A 123 -10.28 0.72 -6.18
CA LEU A 123 -11.31 0.85 -7.19
C LEU A 123 -12.59 0.14 -6.81
N ASP A 124 -12.45 -1.08 -6.30
CA ASP A 124 -13.59 -1.92 -6.02
C ASP A 124 -13.14 -3.08 -5.16
N PHE A 125 -14.10 -3.70 -4.47
CA PHE A 125 -13.84 -4.94 -3.77
C PHE A 125 -15.11 -5.78 -3.83
N LYS A 126 -14.94 -7.09 -3.94
CA LYS A 126 -16.09 -7.97 -3.98
C LYS A 126 -15.74 -9.31 -3.36
N GLY A 127 -16.71 -9.90 -2.67
CA GLY A 127 -16.58 -11.26 -2.21
C GLY A 127 -16.75 -12.19 -3.39
N GLU A 128 -16.11 -13.35 -3.35
CA GLU A 128 -16.25 -14.35 -4.41
C GLU A 128 -17.20 -15.46 -3.98
C JFK B . 3.63 -7.06 -4.31
C JFK B . 3.62 -7.07 -4.26
N JFK B . 4.29 -5.30 -5.77
N JFK B . 4.23 -5.32 -5.74
O JFK B . 3.33 -7.51 -3.20
O JFK B . 3.34 -7.53 -3.16
CA JFK B . 3.81 -5.66 -4.40
CA JFK B . 3.78 -5.68 -4.36
CB JFK B . 2.52 -4.96 -4.03
CB JFK B . 2.48 -4.99 -3.98
CAA JFK B . 3.34 -12.35 1.49
CAA JFK B . 3.49 -12.74 1.42
CAB JFK B . 8.10 -10.10 0.12
CAB JFK B . 8.19 -10.50 0.12
OAD JFK B . 11.43 -6.25 -9.78
OAD JFK B . 9.40 -5.69 -12.09
OAE JFK B . 5.97 -3.75 -4.49
OAE JFK B . 5.99 -3.74 -4.52
OAF JFK B . 4.62 -2.76 -6.38
OAF JFK B . 4.69 -2.77 -6.47
CAG JFK B . 4.03 -11.14 -2.39
CAG JFK B . 4.03 -11.17 -2.36
CAH JFK B . 3.80 -11.61 -1.09
CAH JFK B . 3.80 -11.65 -1.07
CAI JFK B . 6.36 -3.98 -8.31
CAI JFK B . 7.50 -5.48 -6.60
CAJ JFK B . 7.29 -4.26 -9.29
CAJ JFK B . 8.40 -5.95 -7.55
CAK JFK B . 6.20 -10.37 -1.72
CAK JFK B . 6.20 -10.40 -1.66
CAL JFK B . 7.78 -5.01 -6.73
CAL JFK B . 6.46 -4.27 -8.33
CAM JFK B . 1.48 -5.26 -5.10
CAM JFK B . 1.44 -5.30 -5.05
CAN JFK B . 4.65 -10.35 -5.03
CAN JFK B . 4.66 -10.36 -4.98
CAO JFK B . 1.93 -4.68 -6.44
CAO JFK B . 1.86 -4.71 -6.37
CAQ JFK B . 3.05 -6.78 -7.30
CAQ JFK B . 2.98 -6.80 -7.24
CAR JFK B . 3.47 -9.40 -4.96
CAR JFK B . 3.47 -9.40 -4.90
CAS JFK B . 4.17 -7.61 -6.66
CAS JFK B . 4.11 -7.63 -6.63
NAT JFK B . 9.41 -5.22 -9.84
NAT JFK B . 9.12 -5.99 -9.85
OAU JFK B . 4.65 -11.86 1.19
OAU JFK B . 4.64 -11.92 1.22
OAV JFK B . 6.88 -10.70 0.58
OAV JFK B . 6.87 -10.75 0.62
OAW JFK B . 5.52 -10.03 -3.96
OAW JFK B . 5.52 -10.04 -3.90
SAX JFK B . 10.11 -5.99 -7.71
SAX JFK B . 7.49 -4.49 -10.88
CAZ JFK B . 5.23 -10.52 -2.71
CAZ JFK B . 5.23 -10.54 -2.66
CBA JFK B . 6.58 -4.36 -7.01
CBA JFK B . 6.51 -4.60 -6.99
CBB JFK B . 4.78 -11.44 -0.10
CBB JFK B . 4.77 -11.50 -0.07
CBC JFK B . 5.97 -10.82 -0.43
CBC JFK B . 5.96 -10.87 -0.39
CBD JFK B . 10.41 -5.85 -9.24
CBD JFK B . 8.79 -5.47 -11.03
CBE JFK B . 8.42 -4.89 -8.99
CBE JFK B . 8.32 -5.60 -8.84
CBF JFK B . 8.65 -5.25 -7.72
CBF JFK B . 7.33 -4.75 -9.22
CBG JFK B . 3.26 -5.31 -6.84
CBG JFK B . 3.18 -5.33 -6.80
NBI JFK B . 3.77 -7.96 -5.30
NBI JFK B . 3.75 -7.98 -5.26
SBK JFK B . 5.35 -3.96 -5.83
SBK JFK B . 5.35 -3.98 -5.85
#